data_5SCN
#
_entry.id   5SCN
#
_cell.length_a   30.180
_cell.length_b   65.810
_cell.length_c   78.130
_cell.angle_alpha   90.000
_cell.angle_beta   90.000
_cell.angle_gamma   90.000
#
_symmetry.space_group_name_H-M   'P 21 21 21'
#
loop_
_entity.id
_entity.type
_entity.pdbx_description
1 polymer 'Dihydrofolate reductase'
2 non-polymer 3-(2-{3-[(2,4-diamino-6-ethylpyrimidin-5-yl)oxy]propoxy}phenyl)-N-(methanesulfonyl)propanamide
3 non-polymer 'NADP NICOTINAMIDE-ADENINE-DINUCLEOTIDE PHOSPHATE'
4 water water
#
_entity_poly.entity_id   1
_entity_poly.type   'polypeptide(L)'
_entity_poly.pdbx_seq_one_letter_code
;MGSSHHHHHHSSGLVPRGSHMVGLIWAQATSGVIGRGGDIPWRLPEDQAHFREITMGHTIVMGRRTWDSLPAKVRPLPGR
RNVVLSRQADFMASGAEVVGSLEEALTSPETWVIGGGQVYALALPYATRCEVTEVDIGLPREAGDALAPVLDETWRGETG
EWRFSRSGLRYRLYSYHRS
;
_entity_poly.pdbx_strand_id   A
#
loop_
_chem_comp.id
_chem_comp.type
_chem_comp.name
_chem_comp.formula
GUU non-polymer 3-(2-{3-[(2,4-diamino-6-ethylpyrimidin-5-yl)oxy]propoxy}phenyl)-N-(methanesulfonyl)propanamide 'C19 H27 N5 O5 S'
NAP non-polymer 'NADP NICOTINAMIDE-ADENINE-DINUCLEOTIDE PHOSPHATE' 'C21 H28 N7 O17 P3'
#
# COMPACT_ATOMS: atom_id res chain seq x y z
N GLY A 13 6.70 18.44 2.94
CA GLY A 13 7.10 18.91 4.25
C GLY A 13 7.60 17.80 5.13
N LEU A 14 8.62 18.10 5.94
CA LEU A 14 9.26 17.08 6.74
C LEU A 14 8.44 16.77 7.98
N VAL A 15 8.59 15.56 8.44
CA VAL A 15 7.81 15.01 9.53
C VAL A 15 8.62 15.23 10.83
N PRO A 16 8.03 15.93 11.81
CA PRO A 16 8.73 16.02 13.10
C PRO A 16 8.96 14.62 13.66
N ARG A 17 10.12 14.34 14.22
CA ARG A 17 10.47 12.96 14.58
C ARG A 17 9.71 12.40 15.76
N GLY A 18 9.03 13.26 16.52
CA GLY A 18 8.26 12.84 17.66
C GLY A 18 6.82 12.53 17.31
N SER A 19 6.45 12.72 16.05
CA SER A 19 5.09 12.43 15.64
CA SER A 19 5.09 12.43 15.64
C SER A 19 4.97 11.05 14.99
N HIS A 20 3.80 10.75 14.45
CA HIS A 20 3.57 9.46 13.81
C HIS A 20 2.76 9.62 12.53
N MET A 21 3.45 9.86 11.42
CA MET A 21 2.84 10.00 10.10
C MET A 21 2.56 8.61 9.56
N VAL A 22 1.28 8.37 9.24
CA VAL A 22 0.88 7.14 8.59
C VAL A 22 0.38 7.46 7.19
N GLY A 23 0.94 6.78 6.21
CA GLY A 23 0.43 6.87 4.84
C GLY A 23 -0.01 5.53 4.31
N LEU A 24 -0.92 5.55 3.33
CA LEU A 24 -1.28 4.35 2.59
CA LEU A 24 -1.32 4.36 2.58
C LEU A 24 -0.83 4.50 1.15
N ILE A 25 -0.36 3.42 0.55
CA ILE A 25 0.03 3.48 -0.86
C ILE A 25 -0.51 2.23 -1.55
N TRP A 26 -1.21 2.42 -2.69
CA TRP A 26 -1.78 1.30 -3.42
C TRP A 26 -1.94 1.66 -4.89
N ALA A 27 -2.11 0.63 -5.72
CA ALA A 27 -2.52 0.78 -7.10
C ALA A 27 -3.87 0.11 -7.29
N GLN A 28 -4.76 0.77 -8.02
CA GLN A 28 -6.10 0.20 -8.23
C GLN A 28 -6.51 0.30 -9.69
N ALA A 29 -7.40 -0.61 -10.10
CA ALA A 29 -8.18 -0.43 -11.32
C ALA A 29 -9.19 0.69 -11.09
N THR A 30 -9.75 1.23 -12.16
CA THR A 30 -10.76 2.26 -12.03
CA THR A 30 -10.72 2.29 -11.99
C THR A 30 -11.91 1.86 -11.11
N SER A 31 -12.27 0.58 -11.11
CA SER A 31 -13.33 0.07 -10.26
C SER A 31 -12.99 0.05 -8.77
N GLY A 32 -11.71 0.17 -8.43
CA GLY A 32 -11.31 0.05 -7.03
C GLY A 32 -10.70 -1.30 -6.69
N VAL A 33 -10.75 -2.26 -7.61
CA VAL A 33 -10.11 -3.55 -7.40
C VAL A 33 -8.62 -3.36 -7.26
N ILE A 34 -8.05 -3.94 -6.20
CA ILE A 34 -6.59 -3.90 -6.00
C ILE A 34 -5.98 -5.30 -6.03
N GLY A 35 -6.77 -6.35 -5.79
CA GLY A 35 -6.21 -7.69 -5.67
C GLY A 35 -7.23 -8.75 -5.96
N ARG A 36 -6.76 -9.86 -6.49
CA ARG A 36 -7.64 -10.91 -6.95
C ARG A 36 -6.82 -12.20 -7.05
N GLY A 37 -7.31 -13.32 -6.53
CA GLY A 37 -6.60 -14.58 -6.68
C GLY A 37 -5.22 -14.62 -6.04
N GLY A 38 -5.01 -13.82 -5.00
CA GLY A 38 -3.72 -13.76 -4.31
C GLY A 38 -2.65 -12.94 -5.02
N ASP A 39 -3.08 -12.07 -5.93
CA ASP A 39 -2.10 -11.34 -6.75
C ASP A 39 -2.72 -10.00 -7.12
N ILE A 40 -1.93 -9.20 -7.83
CA ILE A 40 -2.42 -7.95 -8.42
C ILE A 40 -2.69 -8.26 -9.89
N PRO A 41 -3.92 -7.99 -10.38
CA PRO A 41 -4.33 -8.43 -11.74
C PRO A 41 -3.88 -7.51 -12.90
N TRP A 42 -2.68 -6.95 -12.82
CA TRP A 42 -2.04 -6.24 -13.95
C TRP A 42 -0.57 -6.17 -13.60
N ARG A 43 0.26 -5.74 -14.54
CA ARG A 43 1.66 -5.48 -14.22
C ARG A 43 2.05 -4.12 -14.77
N LEU A 44 2.70 -3.33 -13.94
CA LEU A 44 3.01 -1.95 -14.27
C LEU A 44 4.34 -1.55 -13.66
N PRO A 45 5.43 -1.84 -14.39
CA PRO A 45 6.78 -1.63 -13.82
C PRO A 45 7.03 -0.18 -13.39
N GLU A 46 6.41 0.78 -14.05
CA GLU A 46 6.44 2.18 -13.63
C GLU A 46 5.83 2.43 -12.22
N ASP A 47 4.82 1.66 -11.86
CA ASP A 47 4.18 1.80 -10.56
C ASP A 47 5.17 1.32 -9.52
N GLN A 48 5.98 0.33 -9.86
CA GLN A 48 6.97 -0.18 -8.92
C GLN A 48 7.97 0.92 -8.50
N ALA A 49 8.41 1.75 -9.45
CA ALA A 49 9.30 2.90 -9.17
C ALA A 49 8.72 3.91 -8.18
N HIS A 50 7.46 4.29 -8.37
CA HIS A 50 6.81 5.23 -7.49
C HIS A 50 6.70 4.62 -6.10
N PHE A 51 6.28 3.36 -6.06
CA PHE A 51 6.16 2.63 -4.79
C PHE A 51 7.49 2.65 -4.01
N ARG A 52 8.58 2.41 -4.71
CA ARG A 52 9.91 2.41 -4.09
C ARG A 52 10.32 3.79 -3.58
N GLU A 53 10.10 4.86 -4.35
CA GLU A 53 10.56 6.18 -3.92
C GLU A 53 9.77 6.66 -2.70
N ILE A 54 8.49 6.30 -2.60
CA ILE A 54 7.70 6.73 -1.46
C ILE A 54 8.13 6.00 -0.21
N THR A 55 8.35 4.68 -0.33
CA THR A 55 8.49 3.86 0.86
C THR A 55 9.93 3.69 1.34
N MET A 56 10.91 3.92 0.47
CA MET A 56 12.31 3.60 0.79
C MET A 56 12.76 4.35 2.04
N GLY A 57 13.38 3.61 2.97
CA GLY A 57 13.98 4.17 4.18
C GLY A 57 12.98 4.30 5.33
N HIS A 58 11.72 3.89 5.12
CA HIS A 58 10.70 3.99 6.16
C HIS A 58 10.23 2.61 6.58
N THR A 59 9.45 2.56 7.65
CA THR A 59 8.78 1.34 8.04
C THR A 59 7.61 1.06 7.09
N ILE A 60 7.46 -0.19 6.66
CA ILE A 60 6.29 -0.59 5.87
C ILE A 60 5.49 -1.63 6.64
N VAL A 61 4.17 -1.51 6.57
CA VAL A 61 3.24 -2.39 7.26
C VAL A 61 2.37 -3.10 6.22
N MET A 62 2.23 -4.40 6.36
CA MET A 62 1.38 -5.16 5.44
C MET A 62 0.65 -6.27 6.17
N GLY A 63 -0.48 -6.68 5.62
CA GLY A 63 -1.16 -7.87 6.07
C GLY A 63 -0.45 -9.13 5.67
N ARG A 64 -0.70 -10.21 6.40
CA ARG A 64 -0.06 -11.48 6.09
C ARG A 64 -0.29 -11.94 4.64
N ARG A 65 -1.48 -11.71 4.09
CA ARG A 65 -1.70 -12.18 2.71
C ARG A 65 -0.88 -11.38 1.71
N THR A 66 -0.61 -10.12 2.02
CA THR A 66 0.26 -9.33 1.16
C THR A 66 1.72 -9.82 1.26
N TRP A 67 2.18 -10.15 2.47
CA TRP A 67 3.47 -10.81 2.56
C TRP A 67 3.56 -12.07 1.69
N ASP A 68 2.56 -12.93 1.75
CA ASP A 68 2.51 -14.14 0.94
C ASP A 68 2.60 -13.84 -0.55
N SER A 69 2.02 -12.71 -0.95
CA SER A 69 1.93 -12.35 -2.38
C SER A 69 3.24 -11.78 -2.94
N LEU A 70 4.17 -11.36 -2.07
CA LEU A 70 5.42 -10.75 -2.53
C LEU A 70 6.28 -11.73 -3.29
N PRO A 71 6.91 -11.29 -4.38
CA PRO A 71 7.88 -12.14 -5.08
C PRO A 71 8.98 -12.54 -4.10
N ALA A 72 9.35 -13.80 -4.13
CA ALA A 72 10.30 -14.35 -3.16
C ALA A 72 11.64 -13.62 -3.17
N LYS A 73 12.05 -13.15 -4.34
CA LYS A 73 13.33 -12.49 -4.50
C LYS A 73 13.40 -11.13 -3.84
N VAL A 74 12.24 -10.55 -3.50
CA VAL A 74 12.24 -9.26 -2.78
C VAL A 74 11.42 -9.36 -1.53
N ARG A 75 11.51 -10.50 -0.87
CA ARG A 75 10.82 -10.66 0.38
C ARG A 75 11.84 -11.00 1.47
N PRO A 76 12.07 -10.10 2.45
CA PRO A 76 11.46 -8.80 2.71
C PRO A 76 11.88 -7.74 1.72
N LEU A 77 11.09 -6.68 1.64
CA LEU A 77 11.41 -5.62 0.69
C LEU A 77 12.64 -4.87 1.22
N PRO A 78 13.72 -4.77 0.41
CA PRO A 78 14.97 -4.20 0.97
C PRO A 78 14.86 -2.71 1.34
N GLY A 79 15.68 -2.28 2.29
CA GLY A 79 15.82 -0.87 2.63
C GLY A 79 14.69 -0.26 3.45
N ARG A 80 13.80 -1.14 3.91
CA ARG A 80 12.61 -0.78 4.69
C ARG A 80 12.43 -1.77 5.83
N ARG A 81 12.00 -1.27 6.97
CA ARG A 81 11.67 -2.15 8.08
C ARG A 81 10.31 -2.82 7.75
N ASN A 82 10.29 -4.14 7.54
CA ASN A 82 9.06 -4.84 7.13
C ASN A 82 8.28 -5.38 8.32
N VAL A 83 7.03 -4.94 8.47
CA VAL A 83 6.17 -5.34 9.59
C VAL A 83 4.98 -6.06 8.97
N VAL A 84 4.68 -7.26 9.46
CA VAL A 84 3.57 -8.08 8.98
C VAL A 84 2.55 -8.26 10.07
N LEU A 85 1.28 -7.96 9.78
CA LEU A 85 0.19 -8.22 10.70
C LEU A 85 -0.37 -9.60 10.51
N SER A 86 -0.45 -10.39 11.57
CA SER A 86 -1.08 -11.71 11.52
C SER A 86 -1.63 -12.03 12.89
N ARG A 87 -2.70 -12.83 12.96
CA ARG A 87 -3.15 -13.36 14.24
C ARG A 87 -2.51 -14.74 14.49
N GLN A 88 -1.62 -15.19 13.61
CA GLN A 88 -0.92 -16.47 13.78
C GLN A 88 0.40 -16.25 14.50
N ALA A 89 0.45 -16.59 15.78
CA ALA A 89 1.66 -16.33 16.58
C ALA A 89 2.88 -17.07 16.04
N ASP A 90 2.69 -18.19 15.36
CA ASP A 90 3.81 -18.94 14.83
C ASP A 90 4.16 -18.62 13.37
N PHE A 91 3.59 -17.54 12.81
CA PHE A 91 3.87 -17.26 11.40
C PHE A 91 5.35 -17.02 11.11
N MET A 92 5.85 -17.61 10.03
CA MET A 92 7.24 -17.42 9.64
CA MET A 92 7.23 -17.43 9.63
C MET A 92 7.32 -16.34 8.57
N ALA A 93 7.95 -15.24 8.93
CA ALA A 93 8.23 -14.13 7.98
C ALA A 93 9.69 -13.75 8.08
N SER A 94 10.53 -14.52 7.41
CA SER A 94 11.98 -14.35 7.52
CA SER A 94 11.97 -14.34 7.50
C SER A 94 12.40 -12.96 7.05
N GLY A 95 13.14 -12.26 7.89
CA GLY A 95 13.64 -10.94 7.55
C GLY A 95 12.66 -9.83 7.92
N ALA A 96 11.51 -10.20 8.47
CA ALA A 96 10.47 -9.23 8.85
C ALA A 96 10.12 -9.46 10.31
N GLU A 97 9.21 -8.66 10.84
CA GLU A 97 8.68 -8.91 12.17
C GLU A 97 7.17 -9.06 12.06
N VAL A 98 6.59 -9.88 12.93
CA VAL A 98 5.16 -10.14 12.94
C VAL A 98 4.54 -9.51 14.19
N VAL A 99 3.49 -8.73 14.02
CA VAL A 99 2.73 -8.16 15.12
C VAL A 99 1.30 -8.62 15.03
N GLY A 100 0.64 -8.70 16.18
CA GLY A 100 -0.67 -9.30 16.26
C GLY A 100 -1.83 -8.33 16.33
N SER A 101 -1.52 -7.05 16.20
CA SER A 101 -2.54 -6.02 16.07
C SER A 101 -1.89 -4.72 15.57
N LEU A 102 -2.71 -3.70 15.33
CA LEU A 102 -2.24 -2.46 14.73
C LEU A 102 -1.39 -1.61 15.66
N GLU A 103 -1.64 -1.76 16.97
CA GLU A 103 -1.02 -0.99 18.06
C GLU A 103 0.50 -0.87 17.85
N GLU A 104 1.15 -2.00 17.79
CA GLU A 104 2.59 -1.98 17.72
C GLU A 104 3.12 -1.85 16.31
N ALA A 105 2.22 -1.75 15.34
CA ALA A 105 2.64 -1.60 13.94
C ALA A 105 2.97 -0.15 13.57
N LEU A 106 2.41 0.81 14.28
CA LEU A 106 2.44 2.21 13.84
C LEU A 106 3.26 3.11 14.77
N THR A 107 4.31 2.55 15.35
CA THR A 107 5.09 3.33 16.34
C THR A 107 6.29 4.10 15.75
N SER A 108 6.61 3.91 14.47
CA SER A 108 7.66 4.68 13.79
C SER A 108 7.22 6.12 13.52
N PRO A 109 8.18 7.02 13.26
CA PRO A 109 7.71 8.37 12.92
C PRO A 109 7.06 8.45 11.55
N GLU A 110 7.45 7.59 10.61
CA GLU A 110 6.88 7.54 9.25
C GLU A 110 6.62 6.09 8.92
N THR A 111 5.36 5.78 8.64
CA THR A 111 4.98 4.42 8.29
C THR A 111 4.16 4.43 7.02
N TRP A 112 4.50 3.56 6.08
CA TRP A 112 3.65 3.37 4.86
C TRP A 112 3.00 2.01 4.93
N VAL A 113 1.67 2.00 4.86
CA VAL A 113 0.88 0.78 4.81
C VAL A 113 0.79 0.37 3.34
N ILE A 114 1.23 -0.84 3.01
CA ILE A 114 1.40 -1.25 1.62
C ILE A 114 0.44 -2.36 1.22
N GLY A 115 -0.56 -2.64 2.05
CA GLY A 115 -1.64 -3.53 1.67
C GLY A 115 -1.91 -4.62 2.69
N GLY A 116 -2.95 -5.43 2.50
CA GLY A 116 -3.87 -5.39 1.36
C GLY A 116 -5.17 -4.76 1.74
N GLY A 117 -6.28 -5.25 1.18
CA GLY A 117 -7.58 -4.62 1.42
C GLY A 117 -7.89 -4.55 2.90
N GLN A 118 -7.68 -5.63 3.65
CA GLN A 118 -8.03 -5.59 5.08
C GLN A 118 -7.20 -4.58 5.85
N VAL A 119 -5.90 -4.57 5.59
CA VAL A 119 -5.03 -3.71 6.39
C VAL A 119 -5.14 -2.24 5.95
N TYR A 120 -5.44 -1.92 4.67
CA TYR A 120 -5.75 -0.53 4.33
C TYR A 120 -6.94 -0.05 5.14
N ALA A 121 -7.99 -0.87 5.19
CA ALA A 121 -9.18 -0.46 5.93
C ALA A 121 -8.86 -0.23 7.42
N LEU A 122 -8.03 -1.12 7.99
CA LEU A 122 -7.68 -1.06 9.42
C LEU A 122 -6.88 0.23 9.72
N ALA A 123 -5.95 0.58 8.84
CA ALA A 123 -5.03 1.68 9.11
C ALA A 123 -5.57 3.05 8.68
N LEU A 124 -6.55 3.06 7.77
CA LEU A 124 -7.03 4.31 7.19
C LEU A 124 -7.38 5.43 8.21
N PRO A 125 -8.03 5.08 9.36
CA PRO A 125 -8.46 6.20 10.23
C PRO A 125 -7.30 7.03 10.77
N TYR A 126 -6.10 6.45 10.79
CA TYR A 126 -4.94 7.13 11.36
C TYR A 126 -4.09 7.78 10.29
N ALA A 127 -4.42 7.54 9.02
CA ALA A 127 -3.58 7.98 7.91
C ALA A 127 -3.85 9.44 7.52
N THR A 128 -2.79 10.16 7.15
CA THR A 128 -2.87 11.53 6.64
C THR A 128 -2.34 11.69 5.22
N ARG A 129 -1.86 10.60 4.62
CA ARG A 129 -1.49 10.59 3.20
C ARG A 129 -1.99 9.31 2.54
N CYS A 130 -2.43 9.44 1.29
CA CYS A 130 -2.64 8.29 0.40
C CYS A 130 -1.95 8.58 -0.93
N GLU A 131 -1.15 7.63 -1.40
CA GLU A 131 -0.55 7.72 -2.73
C GLU A 131 -1.18 6.62 -3.55
N VAL A 132 -1.97 7.02 -4.55
CA VAL A 132 -2.84 6.08 -5.27
C VAL A 132 -2.46 6.09 -6.74
N THR A 133 -2.10 4.93 -7.28
CA THR A 133 -1.96 4.78 -8.72
C THR A 133 -3.24 4.22 -9.29
N GLU A 134 -3.82 4.92 -10.27
CA GLU A 134 -5.01 4.40 -10.93
C GLU A 134 -4.61 3.85 -12.29
N VAL A 135 -4.97 2.59 -12.51
CA VAL A 135 -4.68 1.88 -13.77
C VAL A 135 -5.97 1.84 -14.58
N ASP A 136 -5.90 2.33 -15.81
CA ASP A 136 -7.09 2.38 -16.67
C ASP A 136 -7.37 1.00 -17.27
N ILE A 137 -7.88 0.13 -16.42
CA ILE A 137 -8.22 -1.23 -16.80
C ILE A 137 -9.61 -1.51 -16.24
N GLY A 138 -10.44 -2.10 -17.08
CA GLY A 138 -11.83 -2.41 -16.75
C GLY A 138 -11.97 -3.75 -16.08
N LEU A 139 -11.87 -3.75 -14.76
CA LEU A 139 -12.03 -4.98 -13.97
C LEU A 139 -13.20 -4.84 -13.01
N PRO A 140 -14.39 -5.25 -13.43
CA PRO A 140 -15.54 -5.09 -12.53
C PRO A 140 -15.33 -5.83 -11.22
N ARG A 141 -15.82 -5.24 -10.14
CA ARG A 141 -15.67 -5.91 -8.83
C ARG A 141 -16.32 -7.29 -8.82
N GLU A 142 -15.62 -8.28 -8.27
CA GLU A 142 -16.14 -9.64 -8.12
C GLU A 142 -16.06 -10.13 -6.69
N ALA A 143 -16.82 -11.19 -6.39
CA ALA A 143 -16.74 -11.85 -5.08
C ALA A 143 -15.30 -12.18 -4.77
N GLY A 144 -14.85 -11.75 -3.60
CA GLY A 144 -13.54 -12.14 -3.13
C GLY A 144 -12.46 -11.14 -3.45
N ASP A 145 -12.73 -10.15 -4.30
CA ASP A 145 -11.71 -9.16 -4.63
C ASP A 145 -11.24 -8.39 -3.38
N ALA A 146 -9.97 -8.07 -3.35
CA ALA A 146 -9.49 -7.06 -2.42
C ALA A 146 -9.73 -5.68 -3.05
N LEU A 147 -10.19 -4.74 -2.23
CA LEU A 147 -10.62 -3.42 -2.71
C LEU A 147 -9.89 -2.27 -2.06
N ALA A 148 -9.74 -1.17 -2.79
CA ALA A 148 -9.23 0.09 -2.22
C ALA A 148 -10.19 0.58 -1.17
N PRO A 149 -9.66 1.14 -0.07
CA PRO A 149 -10.58 1.74 0.90
C PRO A 149 -11.29 2.98 0.33
N VAL A 150 -12.49 3.26 0.85
CA VAL A 150 -13.22 4.45 0.49
C VAL A 150 -12.70 5.66 1.27
N LEU A 151 -12.35 6.73 0.55
CA LEU A 151 -11.88 7.97 1.21
C LEU A 151 -13.04 8.92 1.50
N ASP A 152 -13.21 9.34 2.76
CA ASP A 152 -14.29 10.26 3.11
C ASP A 152 -13.91 11.71 2.72
N GLU A 153 -14.78 12.68 3.04
CA GLU A 153 -14.65 14.06 2.53
C GLU A 153 -13.58 14.88 3.24
N THR A 154 -12.90 14.29 4.25
CA THR A 154 -11.76 14.94 4.90
C THR A 154 -10.53 14.99 3.99
N TRP A 155 -10.49 14.11 2.99
CA TRP A 155 -9.33 14.04 2.10
C TRP A 155 -9.35 15.09 0.98
N ARG A 156 -8.19 15.55 0.59
CA ARG A 156 -8.06 16.42 -0.58
C ARG A 156 -6.80 16.01 -1.29
N GLY A 157 -6.63 16.42 -2.53
CA GLY A 157 -5.40 16.09 -3.21
C GLY A 157 -5.34 16.50 -4.64
N GLU A 158 -4.34 15.96 -5.33
CA GLU A 158 -4.04 16.28 -6.70
C GLU A 158 -4.16 15.04 -7.59
N THR A 159 -4.73 15.23 -8.78
CA THR A 159 -4.86 14.20 -9.78
C THR A 159 -3.83 14.46 -10.86
N GLY A 160 -2.94 13.49 -11.10
CA GLY A 160 -1.98 13.61 -12.16
C GLY A 160 -2.50 13.33 -13.55
N GLU A 161 -1.65 13.59 -14.53
CA GLU A 161 -2.01 13.33 -15.91
C GLU A 161 -1.84 11.83 -16.25
N TRP A 162 -2.70 11.31 -17.13
CA TRP A 162 -2.46 9.98 -17.66
C TRP A 162 -1.15 9.86 -18.41
N ARG A 163 -0.51 8.71 -18.30
CA ARG A 163 0.69 8.35 -19.05
C ARG A 163 0.54 6.92 -19.53
N PHE A 164 1.09 6.59 -20.70
CA PHE A 164 1.17 5.20 -21.13
C PHE A 164 2.42 4.54 -20.57
N SER A 165 2.24 3.32 -20.09
CA SER A 165 3.36 2.44 -19.78
CA SER A 165 3.38 2.46 -19.79
C SER A 165 3.93 1.88 -21.09
N ARG A 166 5.12 1.28 -21.02
CA ARG A 166 5.72 0.65 -22.19
C ARG A 166 4.77 -0.36 -22.86
N SER A 167 3.97 -1.07 -22.05
CA SER A 167 3.06 -2.07 -22.59
C SER A 167 1.80 -1.48 -23.23
N GLY A 168 1.58 -0.18 -23.05
CA GLY A 168 0.36 0.45 -23.55
C GLY A 168 -0.75 0.62 -22.52
N LEU A 169 -0.55 0.10 -21.32
CA LEU A 169 -1.48 0.32 -20.24
C LEU A 169 -1.36 1.78 -19.79
N ARG A 170 -2.50 2.43 -19.55
CA ARG A 170 -2.56 3.82 -19.12
C ARG A 170 -2.70 3.92 -17.59
N TYR A 171 -2.00 4.87 -16.96
CA TYR A 171 -2.08 5.03 -15.49
C TYR A 171 -1.87 6.50 -15.08
N ARG A 172 -2.32 6.87 -13.90
CA ARG A 172 -2.09 8.22 -13.40
C ARG A 172 -1.96 8.13 -11.87
N LEU A 173 -1.33 9.14 -11.28
CA LEU A 173 -1.06 9.20 -9.86
C LEU A 173 -1.95 10.22 -9.16
N TYR A 174 -2.55 9.81 -8.06
CA TYR A 174 -3.23 10.73 -7.14
C TYR A 174 -2.41 10.86 -5.87
N SER A 175 -2.22 12.07 -5.40
CA SER A 175 -1.62 12.27 -4.08
CA SER A 175 -1.59 12.32 -4.11
C SER A 175 -2.62 12.96 -3.21
N TYR A 176 -3.09 12.24 -2.20
CA TYR A 176 -4.06 12.76 -1.24
C TYR A 176 -3.44 13.06 0.12
N HIS A 177 -4.01 14.03 0.81
CA HIS A 177 -3.55 14.39 2.16
C HIS A 177 -4.76 14.83 2.97
N ARG A 178 -4.63 14.74 4.29
CA ARG A 178 -5.58 15.40 5.18
C ARG A 178 -4.84 15.77 6.46
N SER A 179 -5.48 16.57 7.30
CA SER A 179 -4.84 17.00 8.54
C SER A 179 -4.72 15.91 9.59
O24 GUU B . 11.17 -3.81 -4.31
C10 GUU B . 4.38 -6.54 -5.42
C01 GUU B . 2.20 -1.73 -5.41
C02 GUU B . 2.69 -2.79 -6.33
C03 GUU B . 4.04 -2.42 -6.93
C04 GUU B . 1.97 -1.94 -4.07
O05 GUU B . 2.10 -3.16 -3.49
C06 GUU B . 3.40 -3.44 -2.89
C07 GUU B . 3.42 -4.84 -2.31
C08 GUU B . 3.25 -5.90 -3.39
O09 GUU B . 4.40 -5.81 -4.25
C11 GUU B . 3.24 -7.15 -5.94
C12 GUU B . 3.29 -7.86 -7.14
C13 GUU B . 4.49 -7.96 -7.82
C14 GUU B . 5.60 -6.64 -6.11
C15 GUU B . 5.62 -7.35 -7.30
C16 GUU B . 6.83 -6.03 -5.59
C17 GUU B . 7.28 -4.79 -6.25
C18 GUU B . 8.65 -4.39 -5.89
O19 GUU B . 9.66 -5.01 -6.25
N20 GUU B . 8.87 -3.27 -5.07
S21 GUU B . 10.34 -2.70 -4.65
O22 GUU B . 10.22 -1.63 -3.72
C23 GUU B . 10.92 -2.02 -6.10
C25 GUU B . 1.52 -0.85 -3.31
N26 GUU B . 1.35 0.38 -3.84
C27 GUU B . 1.62 0.48 -5.18
N28 GUU B . 2.07 -0.52 -5.96
N29 GUU B . 1.48 1.72 -5.77
N30 GUU B . 1.26 -0.98 -1.99
PA NAP C . -4.18 -8.46 3.65
O1A NAP C . -4.85 -7.23 4.12
O2A NAP C . -2.94 -8.39 2.92
O5B NAP C . -3.91 -9.52 4.86
C5B NAP C . -5.00 -9.92 5.68
C4B NAP C . -4.41 -10.71 6.83
O4B NAP C . -3.87 -9.73 7.76
C3B NAP C . -5.42 -11.45 7.68
O3B NAP C . -5.78 -12.70 7.05
C2B NAP C . -4.68 -11.60 9.01
O2B NAP C . -3.59 -12.50 8.87
C1B NAP C . -4.02 -10.22 9.09
N9A NAP C . -4.85 -9.22 9.77
C8A NAP C . -5.88 -8.47 9.27
N7A NAP C . -6.39 -7.65 10.18
C5A NAP C . -5.72 -7.88 11.36
C6A NAP C . -5.76 -7.33 12.73
N6A NAP C . -6.63 -6.39 13.13
N1A NAP C . -4.86 -7.87 13.59
C2A NAP C . -3.97 -8.80 13.21
N3A NAP C . -3.86 -9.35 11.98
C4A NAP C . -4.72 -8.89 11.05
O3 NAP C . -5.26 -9.35 2.80
PN NAP C . -6.26 -8.98 1.60
O1N NAP C . -6.74 -10.35 1.12
O2N NAP C . -7.25 -7.97 2.02
O5D NAP C . -5.33 -8.33 0.52
C5D NAP C . -4.37 -9.09 -0.24
C4D NAP C . -4.60 -8.87 -1.73
O4D NAP C . -4.22 -7.52 -2.01
C3D NAP C . -3.70 -9.69 -2.60
O3D NAP C . -4.45 -9.98 -3.80
C2D NAP C . -2.56 -8.77 -2.95
O2D NAP C . -1.91 -9.11 -4.16
C1D NAP C . -3.30 -7.46 -3.07
N1N NAP C . -2.48 -6.26 -2.92
C2N NAP C . -2.62 -5.29 -3.82
C3N NAP C . -1.89 -4.12 -3.70
C7N NAP C . -2.04 -3.03 -4.68
O7N NAP C . -1.55 -1.92 -4.51
N7N NAP C . -2.77 -3.25 -5.82
C4N NAP C . -0.98 -3.90 -2.61
C5N NAP C . -0.89 -4.94 -1.67
C6N NAP C . -1.66 -6.10 -1.82
P2B NAP C . -3.75 -14.04 9.39
O1X NAP C . -4.80 -14.65 8.44
O2X NAP C . -4.27 -13.97 10.80
O3X NAP C . -2.43 -14.61 9.13
#